data_4G98
#
_entry.id   4G98
#
_cell.length_a   65.974
_cell.length_b   65.974
_cell.length_c   120.018
_cell.angle_alpha   90.00
_cell.angle_beta   90.00
_cell.angle_gamma   120.00
#
_symmetry.space_group_name_H-M   'P 32 2 1'
#
loop_
_entity.id
_entity.type
_entity.pdbx_description
1 polymer 'Heme oxygenase 1'
2 non-polymer 'PROTOPORPHYRIN IX CONTAINING FE'
3 non-polymer 'CARBON MONOXIDE'
4 non-polymer 'FORMIC ACID'
5 water water
#
_entity_poly.entity_id   1
_entity_poly.type   'polypeptide(L)'
_entity_poly.pdbx_seq_one_letter_code
;MERPQLDSMSQDLSEALKEATKEVHIRAENSEFMRNFQKGQVSREGFKLVMASLYHIYTALEEEIERNKQNPVYAPLYFP
EELHRRAALEQDMAFWYGPHWQEAIPYTPATQHYVKRLHEVGGTHPELLVAHAYTRYLGDLSGGQVLKKIAQKAMALPSS
GEGLAFFTFPSIDNPTKFKQLYRARMNTLEMTPEVKHRVTEEAKTAFLLNIELFEELQALLTEEHKDQSPSQTEFLRQRP
ASLVQDTTSAETPRGKSQISTSSSQTP
;
_entity_poly.pdbx_strand_id   A
#
loop_
_chem_comp.id
_chem_comp.type
_chem_comp.name
_chem_comp.formula
CMO non-polymer 'CARBON MONOXIDE' 'C O'
FMT non-polymer 'FORMIC ACID' 'C H2 O2'
HEM non-polymer 'PROTOPORPHYRIN IX CONTAINING FE' 'C34 H32 Fe N4 O4'
#
# COMPACT_ATOMS: atom_id res chain seq x y z
N GLN A 11 19.56 -0.21 17.18
CA GLN A 11 19.17 -0.06 15.73
C GLN A 11 17.76 0.53 15.60
N ASP A 12 17.64 1.58 14.79
CA ASP A 12 16.38 2.28 14.53
C ASP A 12 15.37 1.42 13.79
N LEU A 13 14.12 1.52 14.18
CA LEU A 13 13.06 0.74 13.57
C LEU A 13 13.00 0.92 12.06
N SER A 14 13.17 2.14 11.57
CA SER A 14 12.99 2.36 10.12
C SER A 14 14.09 1.63 9.29
N GLU A 15 15.28 1.51 9.91
CA GLU A 15 16.40 0.78 9.37
C GLU A 15 16.23 -0.72 9.53
N ALA A 16 15.83 -1.15 10.71
CA ALA A 16 15.48 -2.57 10.94
C ALA A 16 14.45 -3.09 9.92
N LEU A 17 13.49 -2.25 9.57
CA LEU A 17 12.43 -2.65 8.68
C LEU A 17 12.93 -2.80 7.23
N LYS A 18 13.72 -1.82 6.83
CA LYS A 18 14.23 -1.75 5.49
C LYS A 18 15.12 -2.99 5.25
N GLU A 19 15.96 -3.26 6.22
CA GLU A 19 16.86 -4.37 6.17
C GLU A 19 16.13 -5.71 6.28
N ALA A 20 15.13 -5.82 7.14
CA ALA A 20 14.33 -7.05 7.23
C ALA A 20 13.49 -7.34 5.96
N THR A 21 13.18 -6.32 5.16
CA THR A 21 12.33 -6.54 4.01
C THR A 21 13.02 -6.44 2.66
N LYS A 22 14.34 -6.24 2.62
CA LYS A 22 14.98 -6.06 1.33
C LYS A 22 14.97 -7.31 0.49
N GLU A 23 15.02 -8.50 1.11
CA GLU A 23 15.09 -9.73 0.32
CA GLU A 23 15.08 -9.75 0.32
C GLU A 23 13.70 -9.99 -0.29
N VAL A 24 12.67 -9.91 0.54
CA VAL A 24 11.31 -10.07 0.04
C VAL A 24 10.84 -8.97 -0.92
N HIS A 25 11.41 -7.77 -0.78
CA HIS A 25 11.14 -6.70 -1.76
C HIS A 25 11.59 -7.13 -3.14
N ILE A 26 12.81 -7.70 -3.21
CA ILE A 26 13.37 -8.21 -4.47
C ILE A 26 12.48 -9.29 -5.07
N ARG A 27 11.96 -10.17 -4.21
CA ARG A 27 11.00 -11.16 -4.68
C ARG A 27 9.67 -10.54 -5.19
N ALA A 28 9.15 -9.57 -4.48
CA ALA A 28 7.88 -8.89 -4.87
C ALA A 28 8.02 -8.17 -6.21
N GLU A 29 9.13 -7.48 -6.42
CA GLU A 29 9.41 -6.87 -7.71
C GLU A 29 9.47 -7.87 -8.85
N ASN A 30 9.87 -9.12 -8.56
CA ASN A 30 10.00 -10.12 -9.57
C ASN A 30 8.88 -11.11 -9.70
N SER A 31 7.76 -10.85 -9.02
CA SER A 31 6.51 -11.53 -9.36
C SER A 31 6.22 -11.26 -10.84
N GLU A 32 5.56 -12.23 -11.50
CA GLU A 32 5.28 -12.12 -12.92
C GLU A 32 4.52 -10.85 -13.24
N PHE A 33 3.52 -10.56 -12.43
CA PHE A 33 2.69 -9.40 -12.62
C PHE A 33 3.52 -8.13 -12.57
N MET A 34 4.40 -8.01 -11.60
CA MET A 34 5.22 -6.76 -11.48
C MET A 34 6.35 -6.68 -12.52
N ARG A 35 6.81 -7.83 -12.97
CA ARG A 35 7.81 -7.91 -13.99
C ARG A 35 7.16 -7.41 -15.30
N ASN A 36 5.96 -7.91 -15.63
CA ASN A 36 5.20 -7.43 -16.76
C ASN A 36 4.90 -5.97 -16.64
N PHE A 37 4.43 -5.58 -15.46
CA PHE A 37 4.17 -4.19 -15.19
C PHE A 37 5.41 -3.32 -15.47
N GLN A 38 6.53 -3.66 -14.84
CA GLN A 38 7.77 -2.91 -14.97
C GLN A 38 8.19 -2.72 -16.41
N LYS A 39 7.94 -3.72 -17.24
CA LYS A 39 8.26 -3.66 -18.66
C LYS A 39 7.28 -2.86 -19.52
N GLY A 40 6.25 -2.30 -18.92
CA GLY A 40 5.26 -1.55 -19.69
C GLY A 40 4.15 -2.40 -20.27
N GLN A 41 4.04 -3.65 -19.85
CA GLN A 41 3.04 -4.54 -20.42
C GLN A 41 1.72 -4.66 -19.67
N VAL A 42 1.43 -3.77 -18.73
CA VAL A 42 0.12 -3.86 -18.10
C VAL A 42 -1.04 -3.49 -19.02
N SER A 43 -2.02 -4.37 -19.04
CA SER A 43 -3.30 -4.08 -19.66
C SER A 43 -4.22 -3.25 -18.75
N ARG A 44 -5.21 -2.60 -19.37
CA ARG A 44 -6.29 -1.98 -18.67
C ARG A 44 -6.97 -2.96 -17.69
N GLU A 45 -7.24 -4.18 -18.13
CA GLU A 45 -7.93 -5.15 -17.26
C GLU A 45 -7.08 -5.48 -16.02
N GLY A 46 -5.81 -5.73 -16.25
CA GLY A 46 -4.89 -6.05 -15.19
C GLY A 46 -4.71 -4.87 -14.25
N PHE A 47 -4.56 -3.69 -14.83
CA PHE A 47 -4.41 -2.48 -13.99
C PHE A 47 -5.68 -2.26 -13.14
N LYS A 48 -6.86 -2.46 -13.74
CA LYS A 48 -8.13 -2.30 -13.00
C LYS A 48 -8.25 -3.29 -11.84
N LEU A 49 -7.81 -4.52 -12.09
CA LEU A 49 -7.84 -5.56 -11.05
C LEU A 49 -6.93 -5.19 -9.88
N VAL A 50 -5.75 -4.69 -10.19
CA VAL A 50 -4.85 -4.38 -9.09
C VAL A 50 -5.36 -3.15 -8.32
N MET A 51 -5.88 -2.17 -9.03
CA MET A 51 -6.29 -0.93 -8.36
C MET A 51 -7.54 -1.17 -7.52
N ALA A 52 -8.43 -2.06 -7.98
CA ALA A 52 -9.66 -2.39 -7.22
C ALA A 52 -9.29 -3.14 -5.96
N SER A 53 -8.27 -3.98 -6.07
CA SER A 53 -7.76 -4.69 -4.90
C SER A 53 -7.15 -3.72 -3.90
N LEU A 54 -6.36 -2.79 -4.37
CA LEU A 54 -5.79 -1.78 -3.44
C LEU A 54 -6.87 -0.94 -2.77
N TYR A 55 -7.95 -0.68 -3.50
CA TYR A 55 -9.04 0.05 -2.89
C TYR A 55 -9.51 -0.68 -1.63
N HIS A 56 -9.71 -1.99 -1.69
CA HIS A 56 -10.15 -2.73 -0.49
C HIS A 56 -9.08 -2.74 0.58
N ILE A 57 -7.83 -2.95 0.15
CA ILE A 57 -6.70 -3.03 1.06
C ILE A 57 -6.52 -1.73 1.85
N TYR A 58 -6.43 -0.62 1.15
CA TYR A 58 -6.28 0.66 1.81
C TYR A 58 -7.51 1.07 2.62
N THR A 59 -8.72 0.72 2.16
CA THR A 59 -9.94 0.91 2.94
C THR A 59 -9.82 0.21 4.30
N ALA A 60 -9.31 -1.01 4.35
CA ALA A 60 -9.12 -1.75 5.60
C ALA A 60 -8.01 -1.11 6.41
N LEU A 61 -6.90 -0.77 5.76
CA LEU A 61 -5.73 -0.27 6.48
C LEU A 61 -6.15 1.02 7.20
N GLU A 62 -6.85 1.84 6.47
CA GLU A 62 -7.22 3.17 6.97
C GLU A 62 -8.37 3.14 7.98
N GLU A 63 -9.34 2.21 7.89
CA GLU A 63 -10.27 1.98 8.98
CA GLU A 63 -10.29 1.97 9.00
C GLU A 63 -9.51 1.68 10.29
N GLU A 64 -8.49 0.83 10.21
CA GLU A 64 -7.72 0.45 11.38
C GLU A 64 -6.77 1.52 11.89
N ILE A 65 -6.16 2.29 11.00
CA ILE A 65 -5.44 3.52 11.42
C ILE A 65 -6.42 4.42 12.20
N GLU A 66 -7.64 4.66 11.71
CA GLU A 66 -8.60 5.48 12.50
C GLU A 66 -8.93 4.89 13.86
N ARG A 67 -9.21 3.59 13.91
CA ARG A 67 -9.49 2.91 15.19
C ARG A 67 -8.37 3.20 16.17
N ASN A 68 -7.15 3.20 15.70
CA ASN A 68 -5.97 3.28 16.57
C ASN A 68 -5.25 4.59 16.58
N LYS A 69 -5.87 5.64 16.10
CA LYS A 69 -5.12 6.89 15.92
C LYS A 69 -4.63 7.47 17.23
N GLN A 70 -5.33 7.19 18.34
CA GLN A 70 -4.92 7.77 19.63
C GLN A 70 -4.05 6.80 20.40
N ASN A 71 -3.84 5.63 19.84
CA ASN A 71 -3.06 4.63 20.52
C ASN A 71 -1.59 4.94 20.31
N PRO A 72 -0.83 5.12 21.39
CA PRO A 72 0.60 5.44 21.30
C PRO A 72 1.47 4.43 20.49
N VAL A 73 1.04 3.19 20.30
CA VAL A 73 1.78 2.25 19.43
C VAL A 73 1.69 2.56 17.93
N TYR A 74 0.76 3.44 17.56
CA TYR A 74 0.60 3.94 16.20
C TYR A 74 0.67 5.44 16.02
N ALA A 75 0.16 6.19 17.00
CA ALA A 75 -0.22 7.64 16.84
C ALA A 75 0.82 8.56 16.20
N PRO A 76 2.10 8.38 16.51
CA PRO A 76 3.07 9.20 15.82
C PRO A 76 3.09 9.09 14.27
N LEU A 77 2.56 8.00 13.70
CA LEU A 77 2.44 7.89 12.23
C LEU A 77 1.07 8.26 11.71
N TYR A 78 0.28 9.00 12.48
CA TYR A 78 -1.04 9.36 12.04
C TYR A 78 -0.95 10.61 11.17
N PHE A 79 -0.92 10.39 9.87
CA PHE A 79 -0.86 11.45 8.90
C PHE A 79 -1.95 11.23 7.85
N PRO A 80 -3.22 11.31 8.23
CA PRO A 80 -4.25 11.09 7.21
C PRO A 80 -4.25 12.05 5.98
N GLU A 81 -4.10 13.34 6.20
CA GLU A 81 -4.12 14.37 5.13
CA GLU A 81 -4.21 14.29 5.07
C GLU A 81 -3.04 14.13 4.07
N GLU A 82 -1.84 13.83 4.53
CA GLU A 82 -0.71 13.60 3.65
C GLU A 82 -0.73 12.26 2.95
N LEU A 83 -1.06 11.20 3.67
CA LEU A 83 -0.81 9.86 3.19
C LEU A 83 -2.04 9.10 2.78
N HIS A 84 -3.19 9.30 3.39
CA HIS A 84 -4.28 8.36 3.13
C HIS A 84 -4.71 8.38 1.69
N ARG A 85 -5.01 7.18 1.22
CA ARG A 85 -5.20 6.81 -0.19
C ARG A 85 -6.64 6.46 -0.54
N ARG A 86 -7.47 6.19 0.43
CA ARG A 86 -8.83 5.78 0.12
C ARG A 86 -9.60 6.72 -0.82
N ALA A 87 -9.60 8.03 -0.52
CA ALA A 87 -10.37 9.00 -1.29
C ALA A 87 -9.82 9.03 -2.75
N ALA A 88 -8.50 8.98 -2.89
CA ALA A 88 -7.84 8.93 -4.17
C ALA A 88 -8.27 7.66 -4.98
N LEU A 89 -8.30 6.52 -4.30
CA LEU A 89 -8.69 5.25 -4.90
C LEU A 89 -10.17 5.27 -5.34
N GLU A 90 -10.98 6.01 -4.62
CA GLU A 90 -12.38 6.18 -4.97
C GLU A 90 -12.54 6.94 -6.27
N GLN A 91 -11.75 7.99 -6.47
CA GLN A 91 -11.72 8.78 -7.71
CA GLN A 91 -11.83 8.74 -7.73
C GLN A 91 -11.31 7.86 -8.86
N ASP A 92 -10.26 7.06 -8.58
CA ASP A 92 -9.71 6.15 -9.59
C ASP A 92 -10.73 5.11 -9.94
N MET A 93 -11.46 4.56 -8.95
CA MET A 93 -12.50 3.59 -9.29
C MET A 93 -13.60 4.21 -10.16
N ALA A 94 -13.96 5.47 -9.91
CA ALA A 94 -15.04 6.13 -10.70
C ALA A 94 -14.55 6.27 -12.13
N PHE A 95 -13.26 6.64 -12.27
CA PHE A 95 -12.58 6.73 -13.57
C PHE A 95 -12.57 5.38 -14.30
N TRP A 96 -12.07 4.34 -13.64
CA TRP A 96 -11.86 3.07 -14.34
C TRP A 96 -13.11 2.25 -14.48
N TYR A 97 -14.02 2.34 -13.51
CA TYR A 97 -15.17 1.48 -13.50
C TYR A 97 -16.51 2.21 -13.67
N GLY A 98 -16.47 3.51 -13.76
CA GLY A 98 -17.69 4.28 -13.89
C GLY A 98 -18.35 4.68 -12.60
N PRO A 99 -19.50 5.35 -12.72
CA PRO A 99 -20.24 5.93 -11.59
C PRO A 99 -20.80 4.89 -10.66
N HIS A 100 -21.01 3.64 -11.14
CA HIS A 100 -21.48 2.54 -10.27
C HIS A 100 -20.38 1.57 -9.95
N TRP A 101 -19.19 2.14 -9.78
CA TRP A 101 -18.05 1.34 -9.48
C TRP A 101 -18.22 0.45 -8.26
N GLN A 102 -18.91 0.92 -7.23
CA GLN A 102 -19.10 0.17 -6.01
CA GLN A 102 -19.08 0.14 -6.00
C GLN A 102 -19.70 -1.22 -6.30
N GLU A 103 -20.61 -1.30 -7.28
CA GLU A 103 -21.15 -2.61 -7.66
C GLU A 103 -20.32 -3.33 -8.71
N ALA A 104 -19.39 -2.66 -9.39
CA ALA A 104 -18.68 -3.34 -10.48
C ALA A 104 -17.38 -3.97 -9.97
N ILE A 105 -16.72 -3.38 -8.96
CA ILE A 105 -15.32 -3.74 -8.67
C ILE A 105 -15.24 -5.11 -8.05
N PRO A 106 -14.20 -5.88 -8.41
CA PRO A 106 -14.02 -7.18 -7.78
C PRO A 106 -13.45 -7.10 -6.37
N TYR A 107 -13.61 -8.21 -5.67
CA TYR A 107 -13.08 -8.37 -4.37
C TYR A 107 -12.49 -9.80 -4.28
N THR A 108 -11.22 -9.95 -4.61
CA THR A 108 -10.69 -11.28 -4.86
C THR A 108 -10.34 -11.97 -3.56
N PRO A 109 -10.22 -13.30 -3.60
CA PRO A 109 -9.94 -13.95 -2.31
C PRO A 109 -8.60 -13.54 -1.71
N ALA A 110 -7.59 -13.30 -2.52
CA ALA A 110 -6.29 -12.91 -2.00
C ALA A 110 -6.38 -11.47 -1.39
N THR A 111 -7.27 -10.64 -1.93
CA THR A 111 -7.55 -9.37 -1.35
C THR A 111 -8.29 -9.54 -0.03
N GLN A 112 -9.22 -10.47 0.03
CA GLN A 112 -9.96 -10.75 1.25
C GLN A 112 -9.04 -11.22 2.32
N HIS A 113 -8.06 -12.07 1.96
CA HIS A 113 -7.07 -12.55 2.91
C HIS A 113 -6.24 -11.41 3.52
N TYR A 114 -5.78 -10.48 2.68
CA TYR A 114 -4.97 -9.33 3.14
C TYR A 114 -5.79 -8.44 4.08
N VAL A 115 -7.03 -8.13 3.66
CA VAL A 115 -7.97 -7.34 4.47
C VAL A 115 -8.21 -8.00 5.84
N LYS A 116 -8.40 -9.31 5.84
CA LYS A 116 -8.64 -10.05 7.09
C LYS A 116 -7.47 -9.84 8.06
N ARG A 117 -6.28 -9.96 7.56
CA ARG A 117 -5.15 -9.82 8.42
C ARG A 117 -5.02 -8.41 8.87
N LEU A 118 -5.36 -7.46 8.00
CA LEU A 118 -5.34 -6.05 8.42
C LEU A 118 -6.26 -5.79 9.62
N HIS A 119 -7.47 -6.32 9.59
CA HIS A 119 -8.38 -6.16 10.71
C HIS A 119 -7.96 -6.93 11.93
N GLU A 120 -7.30 -8.09 11.79
CA GLU A 120 -6.74 -8.79 12.95
C GLU A 120 -5.72 -7.92 13.62
N VAL A 121 -4.80 -7.36 12.81
CA VAL A 121 -3.76 -6.52 13.37
C VAL A 121 -4.39 -5.30 14.08
N GLY A 122 -5.30 -4.63 13.38
CA GLY A 122 -5.87 -3.42 13.85
C GLY A 122 -6.75 -3.63 15.09
N GLY A 123 -7.48 -4.74 15.11
CA GLY A 123 -8.39 -5.10 16.21
C GLY A 123 -7.65 -5.71 17.37
N THR A 124 -6.72 -6.60 17.10
CA THR A 124 -6.12 -7.39 18.18
C THR A 124 -4.61 -7.17 18.40
N HIS A 125 -3.83 -6.75 17.40
CA HIS A 125 -2.39 -6.52 17.60
C HIS A 125 -1.96 -5.17 17.04
N PRO A 126 -2.56 -4.07 17.51
CA PRO A 126 -2.31 -2.75 16.88
C PRO A 126 -0.87 -2.28 16.93
N GLU A 127 -0.06 -2.90 17.78
CA GLU A 127 1.32 -2.56 17.87
C GLU A 127 2.06 -2.99 16.58
N LEU A 128 1.43 -3.87 15.78
CA LEU A 128 2.01 -4.28 14.52
C LEU A 128 1.50 -3.45 13.34
N LEU A 129 0.53 -2.55 13.57
CA LEU A 129 -0.02 -1.78 12.43
C LEU A 129 1.05 -1.00 11.65
N VAL A 130 2.02 -0.44 12.37
CA VAL A 130 3.17 0.23 11.73
C VAL A 130 3.79 -0.63 10.64
N ALA A 131 3.85 -1.95 10.81
CA ALA A 131 4.38 -2.82 9.77
C ALA A 131 3.64 -2.70 8.45
N HIS A 132 2.33 -2.60 8.55
CA HIS A 132 1.47 -2.61 7.38
C HIS A 132 1.43 -1.26 6.71
N ALA A 133 1.46 -0.20 7.51
CA ALA A 133 1.52 1.17 6.99
C ALA A 133 2.91 1.40 6.32
N TYR A 134 3.96 0.89 6.94
CA TYR A 134 5.29 0.97 6.35
C TYR A 134 5.27 0.30 4.95
N THR A 135 4.79 -0.93 4.88
CA THR A 135 4.90 -1.74 3.67
C THR A 135 4.20 -1.08 2.50
N ARG A 136 3.07 -0.44 2.78
CA ARG A 136 2.25 0.17 1.75
C ARG A 136 2.71 1.61 1.49
N TYR A 137 2.66 2.49 2.50
CA TYR A 137 2.92 3.91 2.26
C TYR A 137 4.33 4.25 1.90
N LEU A 138 5.29 3.59 2.51
CA LEU A 138 6.66 3.98 2.16
C LEU A 138 7.05 3.52 0.79
N GLY A 139 6.49 2.41 0.37
CA GLY A 139 6.69 1.97 -0.98
C GLY A 139 5.96 2.94 -1.92
N ASP A 140 4.73 3.29 -1.60
CA ASP A 140 4.00 4.25 -2.46
C ASP A 140 4.78 5.57 -2.64
N LEU A 141 5.50 6.02 -1.58
CA LEU A 141 6.27 7.27 -1.66
C LEU A 141 7.64 7.13 -2.40
N SER A 142 8.11 5.90 -2.60
CA SER A 142 9.34 5.54 -3.28
C SER A 142 9.07 5.03 -4.69
N GLY A 143 9.14 3.72 -4.81
CA GLY A 143 8.92 3.03 -6.04
C GLY A 143 7.58 3.20 -6.72
N GLY A 144 6.57 3.54 -5.92
CA GLY A 144 5.25 3.84 -6.45
C GLY A 144 5.32 4.94 -7.47
N GLN A 145 6.23 5.88 -7.26
CA GLN A 145 6.39 7.00 -8.22
C GLN A 145 6.95 6.57 -9.56
N VAL A 146 7.77 5.53 -9.52
CA VAL A 146 8.33 4.95 -10.73
C VAL A 146 7.18 4.20 -11.42
N LEU A 147 6.44 3.40 -10.69
CA LEU A 147 5.34 2.64 -11.25
C LEU A 147 4.29 3.54 -11.91
N LYS A 148 4.00 4.67 -11.30
CA LYS A 148 3.15 5.70 -11.90
C LYS A 148 3.54 6.08 -13.31
N LYS A 149 4.78 6.48 -13.51
CA LYS A 149 5.27 6.82 -14.84
C LYS A 149 5.11 5.68 -15.83
N ILE A 150 5.40 4.47 -15.41
CA ILE A 150 5.27 3.34 -16.34
C ILE A 150 3.78 3.14 -16.73
N ALA A 151 2.91 3.21 -15.74
CA ALA A 151 1.46 3.04 -16.00
C ALA A 151 1.02 4.12 -16.96
N GLN A 152 1.49 5.33 -16.71
CA GLN A 152 1.10 6.48 -17.46
C GLN A 152 1.44 6.34 -18.95
N LYS A 153 2.65 5.83 -19.23
CA LYS A 153 3.15 5.72 -20.56
C LYS A 153 2.45 4.51 -21.24
N ALA A 154 2.30 3.43 -20.49
CA ALA A 154 1.76 2.22 -21.05
C ALA A 154 0.30 2.50 -21.50
N MET A 155 -0.47 3.18 -20.66
CA MET A 155 -1.91 3.29 -20.93
C MET A 155 -2.37 4.62 -21.50
N ALA A 156 -1.43 5.54 -21.79
CA ALA A 156 -1.75 6.86 -22.34
C ALA A 156 -2.61 7.66 -21.36
N LEU A 157 -2.21 7.67 -20.10
CA LEU A 157 -2.91 8.40 -19.10
C LEU A 157 -2.34 9.83 -19.05
N PRO A 158 -3.19 10.84 -19.00
CA PRO A 158 -2.74 12.23 -19.02
C PRO A 158 -1.96 12.62 -17.78
N SER A 159 -0.97 13.47 -17.99
CA SER A 159 -0.25 14.14 -16.93
C SER A 159 -1.21 14.87 -15.92
N SER A 160 -2.36 15.36 -16.34
CA SER A 160 -3.29 15.94 -15.36
C SER A 160 -3.77 14.97 -14.23
N GLY A 161 -3.45 13.68 -14.32
CA GLY A 161 -3.57 12.81 -13.15
C GLY A 161 -4.80 11.95 -13.07
N GLU A 162 -5.82 12.21 -13.90
CA GLU A 162 -7.00 11.34 -13.90
C GLU A 162 -6.64 9.87 -14.09
N GLY A 163 -7.19 9.02 -13.23
CA GLY A 163 -6.96 7.59 -13.35
C GLY A 163 -5.80 7.13 -12.49
N LEU A 164 -4.99 8.08 -11.97
CA LEU A 164 -3.80 7.79 -11.14
C LEU A 164 -3.76 8.65 -9.89
N ALA A 165 -4.95 9.03 -9.40
CA ALA A 165 -5.06 9.74 -8.12
C ALA A 165 -4.31 8.95 -7.04
N PHE A 166 -4.37 7.63 -7.07
CA PHE A 166 -3.69 6.81 -6.05
C PHE A 166 -2.21 7.18 -5.91
N PHE A 167 -1.58 7.54 -7.03
CA PHE A 167 -0.16 7.73 -7.08
C PHE A 167 0.17 9.20 -6.88
N THR A 168 -0.82 10.03 -6.57
CA THR A 168 -0.61 11.46 -6.47
C THR A 168 -0.88 11.91 -5.02
N PHE A 169 0.06 12.66 -4.45
CA PHE A 169 0.02 13.08 -3.08
C PHE A 169 -0.09 14.60 -3.01
N PRO A 170 -1.31 15.12 -3.16
CA PRO A 170 -1.30 16.56 -3.32
C PRO A 170 -0.94 17.33 -2.04
N SER A 171 -0.88 16.69 -0.85
CA SER A 171 -0.46 17.40 0.36
C SER A 171 0.94 17.17 0.81
N ILE A 172 1.78 16.60 -0.05
CA ILE A 172 3.17 16.39 0.26
C ILE A 172 3.91 17.11 -0.88
N ASP A 173 4.75 18.05 -0.56
CA ASP A 173 5.56 18.65 -1.61
C ASP A 173 6.58 17.70 -2.17
N ASN A 174 7.27 17.01 -1.30
CA ASN A 174 8.41 16.25 -1.71
C ASN A 174 8.41 14.88 -1.03
N PRO A 175 8.03 13.83 -1.78
CA PRO A 175 7.91 12.48 -1.24
C PRO A 175 9.11 11.97 -0.46
N THR A 176 10.30 12.28 -0.92
CA THR A 176 11.52 11.95 -0.18
C THR A 176 11.66 12.68 1.17
N LYS A 177 11.25 13.95 1.23
CA LYS A 177 11.39 14.69 2.50
C LYS A 177 10.35 14.09 3.47
N PHE A 178 9.15 13.84 2.95
CA PHE A 178 8.14 13.24 3.78
C PHE A 178 8.50 11.86 4.33
N LYS A 179 8.99 11.01 3.46
CA LYS A 179 9.56 9.73 3.85
C LYS A 179 10.54 9.88 4.99
N GLN A 180 11.38 10.90 4.93
CA GLN A 180 12.35 11.06 5.98
C GLN A 180 11.72 11.46 7.28
N LEU A 181 10.68 12.29 7.16
CA LEU A 181 9.92 12.67 8.35
C LEU A 181 9.29 11.40 8.92
N TYR A 182 8.66 10.62 8.05
CA TYR A 182 7.85 9.50 8.49
C TYR A 182 8.79 8.50 9.15
N ARG A 183 9.95 8.30 8.58
CA ARG A 183 10.91 7.44 9.23
C ARG A 183 11.35 7.99 10.57
N ALA A 184 11.63 9.28 10.66
CA ALA A 184 12.08 9.85 11.94
C ALA A 184 10.94 9.65 12.95
N ARG A 185 9.67 9.76 12.51
CA ARG A 185 8.58 9.53 13.50
C ARG A 185 8.41 8.06 13.91
N MET A 186 8.71 7.16 12.99
CA MET A 186 8.74 5.73 13.27
C MET A 186 9.69 5.45 14.37
N ASN A 187 10.82 6.14 14.34
CA ASN A 187 11.89 5.92 15.33
C ASN A 187 11.66 6.50 16.74
N THR A 188 10.55 7.22 16.88
CA THR A 188 10.15 7.75 18.16
C THR A 188 9.12 6.80 18.78
N LEU A 189 8.59 5.79 18.06
CA LEU A 189 7.66 4.86 18.70
C LEU A 189 8.36 4.14 19.84
N GLU A 190 7.65 3.94 20.93
CA GLU A 190 8.07 3.08 22.06
C GLU A 190 8.36 1.67 21.57
N MET A 191 9.53 1.13 21.87
CA MET A 191 9.98 -0.06 21.20
C MET A 191 10.83 -0.92 22.14
N THR A 192 10.38 -2.14 22.38
CA THR A 192 11.12 -3.15 23.08
C THR A 192 11.56 -4.15 22.03
N PRO A 193 12.50 -5.01 22.37
CA PRO A 193 12.96 -6.04 21.43
C PRO A 193 11.80 -6.95 20.99
N GLU A 194 10.94 -7.30 21.92
CA GLU A 194 9.73 -8.03 21.60
C GLU A 194 8.98 -7.35 20.43
N VAL A 195 8.68 -6.08 20.57
CA VAL A 195 7.78 -5.43 19.64
C VAL A 195 8.51 -5.25 18.29
N LYS A 196 9.76 -4.91 18.36
CA LYS A 196 10.53 -4.67 17.18
C LYS A 196 10.69 -5.93 16.35
N HIS A 197 11.00 -7.01 17.02
CA HIS A 197 11.18 -8.27 16.34
C HIS A 197 9.89 -8.67 15.66
N ARG A 198 8.75 -8.45 16.30
CA ARG A 198 7.50 -8.85 15.69
C ARG A 198 7.06 -7.82 14.64
N VAL A 199 7.34 -6.51 14.85
CA VAL A 199 7.01 -5.53 13.80
C VAL A 199 7.69 -5.99 12.44
N THR A 200 8.96 -6.37 12.51
CA THR A 200 9.70 -6.74 11.29
C THR A 200 9.18 -8.03 10.73
N GLU A 201 8.76 -8.97 11.59
CA GLU A 201 8.09 -10.18 11.07
C GLU A 201 6.82 -9.86 10.32
N GLU A 202 6.04 -8.95 10.88
CA GLU A 202 4.76 -8.63 10.26
C GLU A 202 4.95 -7.89 8.94
N ALA A 203 5.99 -7.05 8.85
CA ALA A 203 6.30 -6.34 7.61
C ALA A 203 6.56 -7.43 6.55
N LYS A 204 7.23 -8.51 6.92
CA LYS A 204 7.51 -9.58 5.94
C LYS A 204 6.25 -10.30 5.53
N THR A 205 5.35 -10.52 6.46
CA THR A 205 4.02 -11.03 6.10
C THR A 205 3.25 -10.07 5.18
N ALA A 206 3.25 -8.78 5.50
CA ALA A 206 2.61 -7.76 4.64
C ALA A 206 3.13 -7.94 3.19
N PHE A 207 4.44 -8.04 3.03
CA PHE A 207 5.01 -8.18 1.71
C PHE A 207 4.48 -9.45 1.07
N LEU A 208 4.40 -10.52 1.83
CA LEU A 208 3.92 -11.77 1.28
C LEU A 208 2.45 -11.70 0.85
N LEU A 209 1.65 -11.01 1.63
CA LEU A 209 0.26 -10.87 1.23
C LEU A 209 0.15 -10.12 -0.13
N ASN A 210 1.06 -9.20 -0.39
CA ASN A 210 1.09 -8.49 -1.65
C ASN A 210 1.51 -9.42 -2.78
N ILE A 211 2.61 -10.18 -2.54
CA ILE A 211 3.03 -11.22 -3.51
C ILE A 211 1.90 -12.17 -3.83
N GLU A 212 1.19 -12.63 -2.81
CA GLU A 212 0.12 -13.57 -3.08
C GLU A 212 -1.00 -12.91 -3.84
N LEU A 213 -1.27 -11.63 -3.58
CA LEU A 213 -2.27 -10.95 -4.42
C LEU A 213 -1.82 -10.98 -5.87
N PHE A 214 -0.55 -10.67 -6.10
CA PHE A 214 -0.05 -10.54 -7.49
C PHE A 214 -0.02 -11.88 -8.20
N GLU A 215 0.34 -12.94 -7.45
CA GLU A 215 0.27 -14.28 -8.00
C GLU A 215 -1.18 -14.57 -8.38
N GLU A 216 -2.14 -14.21 -7.52
CA GLU A 216 -3.54 -14.50 -7.86
C GLU A 216 -4.02 -13.71 -9.12
N LEU A 217 -3.68 -12.44 -9.17
CA LEU A 217 -4.08 -11.58 -10.29
C LEU A 217 -3.53 -12.09 -11.62
N GLN A 218 -2.28 -12.49 -11.62
CA GLN A 218 -1.67 -13.04 -12.80
C GLN A 218 -2.42 -14.27 -13.31
N ALA A 219 -2.78 -15.18 -12.40
CA ALA A 219 -3.54 -16.37 -12.75
C ALA A 219 -4.90 -15.96 -13.29
N LEU A 220 -5.55 -14.99 -12.66
CA LEU A 220 -6.86 -14.59 -13.12
C LEU A 220 -6.69 -14.05 -14.51
N LEU A 221 -5.58 -13.36 -14.80
CA LEU A 221 -5.45 -12.73 -16.10
C LEU A 221 -5.04 -13.76 -17.14
N THR A 222 -4.40 -14.87 -16.78
CA THR A 222 -3.96 -15.80 -17.81
C THR A 222 -4.51 -17.21 -17.67
CHA HEM B . 11.16 1.19 -1.83
CHB HEM B . 10.86 0.00 -6.66
CHC HEM B . 7.30 -3.16 -5.69
CHD HEM B . 7.44 -1.66 -0.99
C1A HEM B . 11.39 1.05 -3.27
C2A HEM B . 12.47 1.85 -3.90
C3A HEM B . 12.39 1.53 -5.32
C4A HEM B . 11.27 0.55 -5.41
CMA HEM B . 13.27 2.02 -6.46
CAA HEM B . 13.47 2.79 -3.24
CBA HEM B . 14.84 2.12 -2.97
CGA HEM B . 15.69 2.84 -1.94
O1A HEM B . 16.86 2.42 -1.65
O2A HEM B . 15.22 3.83 -1.34
C1B HEM B . 9.83 -1.00 -6.80
C2B HEM B . 9.51 -1.54 -8.15
C3B HEM B . 8.42 -2.44 -7.79
C4B HEM B . 8.30 -2.34 -6.33
CMB HEM B . 10.10 -1.14 -9.49
CAB HEM B . 7.66 -3.39 -8.60
CBB HEM B . 8.13 -3.69 -9.80
C1C HEM B . 7.01 -3.11 -4.32
C2C HEM B . 5.91 -3.88 -3.63
C3C HEM B . 6.03 -3.33 -2.26
C4C HEM B . 7.08 -2.33 -2.22
CMC HEM B . 4.98 -4.95 -4.11
CAC HEM B . 5.25 -3.63 -1.05
CBC HEM B . 4.12 -4.28 -1.11
C1D HEM B . 8.53 -0.75 -0.76
C2D HEM B . 8.78 -0.20 0.60
C3D HEM B . 9.88 0.67 0.30
C4D HEM B . 10.10 0.51 -1.13
CMD HEM B . 8.03 -0.44 1.88
CAD HEM B . 10.65 1.54 1.23
CBD HEM B . 11.89 0.79 1.67
CGD HEM B . 12.49 1.65 2.76
O1D HEM B . 12.97 2.75 2.46
O2D HEM B . 12.48 1.25 3.94
NA HEM B . 10.56 0.34 -4.19
NB HEM B . 9.13 -1.46 -5.73
NC HEM B . 7.60 -2.10 -3.51
ND HEM B . 9.32 -0.35 -1.73
FE HEM B . 9.19 -1.02 -3.67
C CMO C . 7.91 0.17 -4.27
O CMO C . 6.94 0.89 -4.32
C FMT D . 7.87 -14.80 0.37
O1 FMT D . 8.47 -14.55 1.39
O2 FMT D . 8.45 -14.46 -0.77
#